data_9NNA
#
_entry.id   9NNA
#
_cell.length_a   58.478
_cell.length_b   63.633
_cell.length_c   124.615
_cell.angle_alpha   90.00
_cell.angle_beta   90.00
_cell.angle_gamma   90.00
#
_symmetry.space_group_name_H-M   'P 21 21 21'
#
loop_
_entity.id
_entity.type
_entity.pdbx_description
1 polymer 'Cholesterol 24-hydroxylase'
2 non-polymer 'PROTOPORPHYRIN IX CONTAINING FE'
3 non-polymer [(1R,5S)-3-oxa-8-azabicyclo[3.2.1]octan-8-yl][(4R,8M)-8-(1,3-oxazol-5-yl)-6-(trifluoromethyl)imidazo[1,2-a]pyridin-3-yl]methanone
4 water water
#
_entity_poly.entity_id   1
_entity_poly.type   'polypeptide(L)'
_entity_poly.pdbx_seq_one_letter_code
;MHHHHHHSRYEHIPGPPRPSFLLGHLPCFWKKDEVGGRVLQDVFLDWAKKYGPVVRVNVFHKTSVIVTSPESVKKFLMST
KYNKDSKMYRALQTVFGERLFGQGLVSECNYERWHKQRRVIDLAFSRSSLVSLMETFNEKAEQLVEILEAKADGQTPVSM
QDMLTYTAMDILAKAAFGMETSMLLGAQKPLSQAVKLMLEGITASRNTLAKFLPGKRKQLREVRESIRFLRQVGRDWVQR
RREALKRGEEVPADILTQILKAEEGAQDDEGLLDNFVTFFIAGHETSANHLAFTVMELSRQPEIVARLQAEVDEVIGSKR
YLDFEDLGRLQYLSQVLKESLRLYPPAWGTFRLLEEETLIDGVRVPGNTPLLFSTYVMGRMDTYFEDPLTFNPDRFGPGA
PKPRFTYFPFSLGHRSCIGQQFAQMEVKVVMAKLLQRLEFRLVPGQRFGLQEQATLKPLDPVLCTLRPRGWQPA
;
_entity_poly.pdbx_strand_id   A
#
loop_
_chem_comp.id
_chem_comp.type
_chem_comp.name
_chem_comp.formula
A1BZE non-polymer [(1R,5S)-3-oxa-8-azabicyclo[3.2.1]octan-8-yl][(4R,8M)-8-(1,3-oxazol-5-yl)-6-(trifluoromethyl)imidazo[1,2-a]pyridin-3-yl]methanone 'C18 H15 F3 N4 O3'
HEM non-polymer 'PROTOPORPHYRIN IX CONTAINING FE' 'C34 H32 Fe N4 O4'
#
# COMPACT_ATOMS: atom_id res chain seq x y z
N SER A 8 1.23 -9.73 -33.05
CA SER A 8 0.70 -9.04 -34.23
C SER A 8 -0.66 -8.40 -33.90
N ARG A 9 -1.46 -9.03 -33.01
CA ARG A 9 -2.81 -8.48 -32.74
C ARG A 9 -2.72 -7.10 -32.09
N TYR A 10 -1.57 -6.76 -31.49
CA TYR A 10 -1.38 -5.45 -30.87
C TYR A 10 -0.45 -4.50 -31.64
N GLU A 11 0.11 -4.92 -32.77
CA GLU A 11 1.17 -4.14 -33.43
C GLU A 11 0.70 -2.76 -33.94
N HIS A 12 -0.60 -2.61 -34.21
CA HIS A 12 -1.17 -1.34 -34.64
C HIS A 12 -1.28 -0.30 -33.54
N ILE A 13 -1.18 -0.71 -32.28
CA ILE A 13 -1.38 0.21 -31.15
C ILE A 13 -0.14 1.07 -30.99
N PRO A 14 -0.31 2.37 -30.70
CA PRO A 14 0.88 3.20 -30.49
C PRO A 14 1.83 2.66 -29.44
N GLY A 15 3.12 2.83 -29.70
CA GLY A 15 4.13 2.41 -28.73
C GLY A 15 5.52 2.41 -29.31
N PRO A 16 6.52 1.98 -28.51
CA PRO A 16 7.91 1.99 -28.93
C PRO A 16 8.20 0.94 -30.02
N PRO A 17 9.15 1.24 -30.93
CA PRO A 17 9.45 0.34 -32.05
C PRO A 17 10.47 -0.74 -31.71
N VAL A 39 12.71 2.84 -12.25
CA VAL A 39 11.66 1.83 -12.28
C VAL A 39 10.94 1.79 -13.65
N LEU A 40 10.32 0.65 -13.94
CA LEU A 40 9.60 0.46 -15.20
C LEU A 40 8.47 1.50 -15.39
N GLN A 41 7.83 1.89 -14.30
CA GLN A 41 6.78 2.94 -14.38
C GLN A 41 7.26 4.26 -14.99
N ASP A 42 8.55 4.59 -14.85
CA ASP A 42 9.09 5.81 -15.47
C ASP A 42 9.24 5.66 -16.98
N VAL A 43 9.54 4.44 -17.43
CA VAL A 43 9.58 4.13 -18.85
C VAL A 43 8.15 4.25 -19.39
N PHE A 44 7.18 3.71 -18.66
CA PHE A 44 5.78 3.85 -19.08
C PHE A 44 5.36 5.30 -19.15
N LEU A 45 5.82 6.11 -18.18
CA LEU A 45 5.50 7.54 -18.15
C LEU A 45 6.02 8.20 -19.44
N ASP A 46 7.30 7.97 -19.78
CA ASP A 46 7.91 8.52 -20.99
C ASP A 46 7.11 8.12 -22.25
N TRP A 47 6.68 6.87 -22.29
CA TRP A 47 5.90 6.37 -23.45
C TRP A 47 4.51 6.95 -23.52
N ALA A 48 3.86 7.15 -22.37
CA ALA A 48 2.53 7.80 -22.36
C ALA A 48 2.63 9.24 -22.86
N LYS A 49 3.69 9.93 -22.45
CA LYS A 49 3.95 11.27 -22.93
C LYS A 49 4.23 11.31 -24.44
N LYS A 50 5.00 10.36 -24.93
CA LYS A 50 5.40 10.35 -26.32
C LYS A 50 4.28 9.85 -27.24
N TYR A 51 3.60 8.79 -26.81
CA TYR A 51 2.73 8.01 -27.70
C TYR A 51 1.23 8.15 -27.44
N GLY A 52 0.86 8.75 -26.32
CA GLY A 52 -0.54 9.11 -26.12
C GLY A 52 -1.24 8.33 -25.05
N PRO A 53 -2.58 8.42 -25.04
CA PRO A 53 -3.38 7.89 -23.93
C PRO A 53 -3.59 6.37 -23.97
N VAL A 54 -3.16 5.71 -25.06
CA VAL A 54 -3.31 4.26 -25.19
C VAL A 54 -2.05 3.68 -25.82
N VAL A 55 -1.26 2.96 -25.02
CA VAL A 55 0.06 2.53 -25.45
C VAL A 55 0.28 1.08 -25.12
N ARG A 56 0.84 0.33 -26.08
CA ARG A 56 1.15 -1.07 -25.81
C ARG A 56 2.49 -1.21 -25.11
N VAL A 57 2.50 -2.05 -24.07
CA VAL A 57 3.68 -2.32 -23.26
C VAL A 57 3.76 -3.82 -22.95
N ASN A 58 4.90 -4.24 -22.41
CA ASN A 58 5.07 -5.59 -21.88
C ASN A 58 5.29 -5.48 -20.39
N VAL A 59 4.44 -6.13 -19.62
CA VAL A 59 4.54 -6.06 -18.16
C VAL A 59 4.26 -7.45 -17.59
N PHE A 60 5.09 -7.91 -16.65
CA PHE A 60 4.99 -9.26 -16.06
C PHE A 60 4.88 -10.34 -17.15
N HIS A 61 5.75 -10.21 -18.16
CA HIS A 61 5.79 -11.09 -19.31
C HIS A 61 4.52 -11.19 -20.14
N LYS A 62 3.65 -10.17 -20.10
CA LYS A 62 2.45 -10.19 -20.95
C LYS A 62 2.26 -8.84 -21.63
N THR A 63 1.64 -8.86 -22.81
CA THR A 63 1.31 -7.62 -23.49
C THR A 63 0.10 -6.97 -22.83
N SER A 64 0.25 -5.69 -22.49
CA SER A 64 -0.80 -4.90 -21.86
CA SER A 64 -0.83 -4.92 -21.91
C SER A 64 -0.91 -3.58 -22.60
N VAL A 65 -1.99 -2.85 -22.34
CA VAL A 65 -2.22 -1.54 -22.93
C VAL A 65 -2.43 -0.57 -21.77
N ILE A 66 -1.55 0.40 -21.66
CA ILE A 66 -1.63 1.42 -20.62
C ILE A 66 -2.55 2.51 -21.12
N VAL A 67 -3.59 2.74 -20.33
CA VAL A 67 -4.64 3.69 -20.63
CA VAL A 67 -4.62 3.71 -20.65
C VAL A 67 -4.55 4.84 -19.62
N THR A 68 -4.32 6.06 -20.11
CA THR A 68 -4.05 7.19 -19.22
C THR A 68 -4.94 8.41 -19.45
N SER A 69 -6.05 8.28 -20.15
CA SER A 69 -7.01 9.40 -20.17
C SER A 69 -7.95 9.30 -18.94
N PRO A 70 -8.32 10.44 -18.36
CA PRO A 70 -9.33 10.38 -17.27
C PRO A 70 -10.68 9.82 -17.71
N GLU A 71 -11.04 10.03 -18.97
CA GLU A 71 -12.26 9.42 -19.52
C GLU A 71 -12.22 7.88 -19.42
N SER A 72 -11.05 7.30 -19.72
CA SER A 72 -10.87 5.84 -19.58
C SER A 72 -10.87 5.39 -18.14
N VAL A 73 -10.21 6.14 -17.26
CA VAL A 73 -10.17 5.77 -15.85
C VAL A 73 -11.60 5.68 -15.31
N LYS A 74 -12.39 6.69 -15.63
CA LYS A 74 -13.77 6.72 -15.19
C LYS A 74 -14.54 5.54 -15.79
N LYS A 75 -14.43 5.35 -17.10
CA LYS A 75 -15.22 4.30 -17.76
C LYS A 75 -14.97 2.92 -17.21
N PHE A 76 -13.70 2.57 -17.04
CA PHE A 76 -13.34 1.21 -16.67
C PHE A 76 -13.30 0.94 -15.18
N LEU A 77 -12.92 1.92 -14.36
CA LEU A 77 -12.79 1.64 -12.93
C LEU A 77 -14.12 1.83 -12.22
N MET A 78 -14.99 2.68 -12.77
CA MET A 78 -16.29 2.96 -12.13
C MET A 78 -17.44 2.07 -12.56
N SER A 79 -17.17 0.91 -13.14
CA SER A 79 -18.22 0.00 -13.54
C SER A 79 -17.91 -1.41 -13.10
N THR A 80 -18.91 -2.09 -12.55
CA THR A 80 -18.80 -3.47 -12.18
C THR A 80 -18.78 -4.39 -13.41
N LYS A 81 -18.99 -3.83 -14.60
CA LYS A 81 -18.87 -4.56 -15.88
C LYS A 81 -17.45 -5.02 -16.13
N TYR A 82 -16.49 -4.24 -15.66
CA TYR A 82 -15.08 -4.49 -15.89
C TYR A 82 -14.48 -5.04 -14.60
N ASN A 83 -13.93 -6.23 -14.72
CA ASN A 83 -13.32 -6.93 -13.57
C ASN A 83 -11.79 -6.99 -13.71
N LYS A 84 -11.11 -7.33 -12.62
CA LYS A 84 -9.66 -7.49 -12.66
C LYS A 84 -9.24 -8.61 -13.59
N ASP A 85 -8.07 -8.44 -14.22
CA ASP A 85 -7.48 -9.48 -15.07
C ASP A 85 -6.60 -10.40 -14.24
N SER A 86 -7.09 -11.64 -14.02
CA SER A 86 -6.45 -12.60 -13.13
CA SER A 86 -6.44 -12.57 -13.12
C SER A 86 -5.00 -12.88 -13.52
N LYS A 87 -4.72 -12.88 -14.82
CA LYS A 87 -3.37 -13.19 -15.26
C LYS A 87 -2.34 -12.22 -14.70
N MET A 88 -2.75 -10.98 -14.39
CA MET A 88 -1.83 -9.97 -13.94
C MET A 88 -1.64 -10.01 -12.41
N TYR A 89 -2.40 -10.89 -11.76
CA TYR A 89 -2.32 -11.09 -10.30
C TYR A 89 -1.76 -12.47 -9.92
N ARG A 90 -1.21 -13.18 -10.89
CA ARG A 90 -0.76 -14.55 -10.67
C ARG A 90 0.36 -14.63 -9.63
N ALA A 91 1.26 -13.64 -9.63
CA ALA A 91 2.36 -13.54 -8.65
C ALA A 91 1.92 -13.24 -7.23
N LEU A 92 0.70 -12.74 -7.04
CA LEU A 92 0.15 -12.61 -5.69
C LEU A 92 -0.53 -13.91 -5.29
N GLN A 93 -1.14 -14.60 -6.26
CA GLN A 93 -1.90 -15.83 -5.96
C GLN A 93 -0.97 -16.97 -5.51
N THR A 94 0.10 -17.19 -6.27
CA THR A 94 1.01 -18.30 -6.05
C THR A 94 2.39 -17.89 -6.51
N VAL A 95 3.42 -18.28 -5.76
CA VAL A 95 4.79 -17.99 -6.12
C VAL A 95 5.66 -19.26 -6.03
N PHE A 96 6.37 -19.56 -7.12
CA PHE A 96 7.19 -20.77 -7.24
C PHE A 96 6.45 -22.00 -6.72
N GLY A 97 5.16 -22.12 -7.07
CA GLY A 97 4.36 -23.30 -6.71
C GLY A 97 3.84 -23.30 -5.28
N GLU A 98 4.00 -22.21 -4.56
CA GLU A 98 3.45 -22.07 -3.19
C GLU A 98 2.35 -21.04 -3.15
N ARG A 99 1.17 -21.47 -2.72
CA ARG A 99 -0.01 -20.60 -2.60
C ARG A 99 0.30 -19.48 -1.61
N LEU A 100 0.02 -18.24 -2.00
CA LEU A 100 0.40 -17.06 -1.23
C LEU A 100 -0.85 -16.32 -0.79
N PHE A 101 -1.35 -15.37 -1.60
CA PHE A 101 -2.64 -14.72 -1.34
C PHE A 101 -3.79 -15.53 -1.90
N GLY A 102 -3.51 -16.52 -2.76
CA GLY A 102 -4.56 -17.34 -3.34
C GLY A 102 -5.69 -16.52 -3.91
N GLN A 103 -6.91 -16.82 -3.48
CA GLN A 103 -8.11 -16.16 -3.93
C GLN A 103 -8.67 -15.24 -2.83
N GLY A 104 -7.76 -14.64 -2.05
CA GLY A 104 -8.18 -13.62 -1.09
C GLY A 104 -8.67 -12.31 -1.73
N LEU A 105 -8.89 -11.29 -0.90
CA LEU A 105 -9.68 -10.14 -1.35
C LEU A 105 -9.03 -9.33 -2.48
N VAL A 106 -7.70 -9.23 -2.51
CA VAL A 106 -7.00 -8.46 -3.52
C VAL A 106 -6.90 -9.22 -4.83
N SER A 107 -6.70 -10.52 -4.74
CA SER A 107 -6.29 -11.32 -5.89
C SER A 107 -7.44 -12.15 -6.50
N GLU A 108 -8.61 -12.18 -5.84
CA GLU A 108 -9.81 -12.81 -6.41
C GLU A 108 -10.33 -11.91 -7.50
N CYS A 109 -10.40 -12.44 -8.71
CA CYS A 109 -10.85 -11.64 -9.87
C CYS A 109 -12.29 -11.95 -10.35
N ASN A 110 -12.89 -13.04 -9.88
CA ASN A 110 -14.30 -13.29 -10.14
C ASN A 110 -15.18 -12.42 -9.28
N TYR A 111 -16.05 -11.64 -9.93
CA TYR A 111 -16.90 -10.67 -9.27
C TYR A 111 -17.73 -11.26 -8.13
N GLU A 112 -18.50 -12.32 -8.40
CA GLU A 112 -19.40 -12.87 -7.38
C GLU A 112 -18.66 -13.41 -6.15
N ARG A 113 -17.54 -14.07 -6.38
CA ARG A 113 -16.74 -14.60 -5.30
C ARG A 113 -16.08 -13.45 -4.51
N TRP A 114 -15.61 -12.43 -5.23
CA TRP A 114 -15.09 -11.23 -4.59
C TRP A 114 -16.16 -10.54 -3.77
N HIS A 115 -17.34 -10.36 -4.36
CA HIS A 115 -18.41 -9.56 -3.75
C HIS A 115 -18.86 -10.14 -2.43
N LYS A 116 -18.98 -11.47 -2.36
CA LYS A 116 -19.42 -12.16 -1.15
C LYS A 116 -18.44 -11.90 0.00
N GLN A 117 -17.16 -12.02 -0.27
CA GLN A 117 -16.17 -11.81 0.79
C GLN A 117 -16.03 -10.33 1.15
N ARG A 118 -16.15 -9.43 0.18
CA ARG A 118 -16.02 -8.00 0.45
C ARG A 118 -17.12 -7.51 1.41
N ARG A 119 -18.36 -7.94 1.17
CA ARG A 119 -19.49 -7.46 1.97
C ARG A 119 -19.36 -7.89 3.43
N VAL A 120 -18.82 -9.10 3.64
CA VAL A 120 -18.61 -9.62 5.01
C VAL A 120 -17.44 -8.91 5.68
N ILE A 121 -16.33 -8.75 4.96
CA ILE A 121 -15.14 -8.16 5.58
C ILE A 121 -15.33 -6.65 5.80
N ASP A 122 -16.15 -6.01 4.96
CA ASP A 122 -16.51 -4.59 5.15
C ASP A 122 -16.95 -4.21 6.56
N LEU A 123 -17.62 -5.13 7.26
CA LEU A 123 -18.07 -4.89 8.63
C LEU A 123 -16.95 -4.51 9.58
N ALA A 124 -15.75 -5.06 9.34
CA ALA A 124 -14.59 -4.75 10.19
C ALA A 124 -14.01 -3.36 9.91
N PHE A 125 -14.47 -2.71 8.84
CA PHE A 125 -13.97 -1.40 8.44
C PHE A 125 -15.05 -0.30 8.58
N SER A 126 -16.09 -0.60 9.35
CA SER A 126 -17.15 0.35 9.66
C SER A 126 -16.55 1.52 10.45
N ARG A 127 -17.18 2.67 10.35
CA ARG A 127 -16.82 3.81 11.17
C ARG A 127 -16.60 3.42 12.65
N SER A 128 -17.55 2.75 13.25
CA SER A 128 -17.44 2.36 14.66
C SER A 128 -16.25 1.43 14.91
N SER A 129 -16.01 0.53 13.96
CA SER A 129 -14.87 -0.41 14.07
C SER A 129 -13.54 0.34 14.08
N LEU A 130 -13.44 1.30 13.18
CA LEU A 130 -12.22 2.06 13.01
C LEU A 130 -11.96 3.02 14.19
N VAL A 131 -13.01 3.66 14.70
CA VAL A 131 -12.86 4.51 15.87
C VAL A 131 -12.26 3.71 17.03
N SER A 132 -12.65 2.46 17.20
CA SER A 132 -12.13 1.66 18.32
C SER A 132 -10.63 1.32 18.18
N LEU A 133 -10.06 1.49 16.99
CA LEU A 133 -8.63 1.22 16.78
C LEU A 133 -7.68 2.37 17.14
N MET A 134 -8.23 3.54 17.48
CA MET A 134 -7.39 4.69 17.84
C MET A 134 -6.42 4.38 18.99
N GLU A 135 -6.85 3.58 19.95
CA GLU A 135 -5.97 3.24 21.07
C GLU A 135 -4.72 2.49 20.59
N THR A 136 -4.91 1.52 19.69
CA THR A 136 -3.79 0.77 19.10
C THR A 136 -2.87 1.66 18.28
N PHE A 137 -3.45 2.54 17.44
CA PHE A 137 -2.66 3.45 16.60
C PHE A 137 -1.80 4.35 17.51
N ASN A 138 -2.42 4.91 18.54
CA ASN A 138 -1.72 5.79 19.48
C ASN A 138 -0.63 5.08 20.26
N GLU A 139 -0.90 3.87 20.73
CA GLU A 139 0.08 3.15 21.55
C GLU A 139 1.33 2.74 20.77
N LYS A 140 1.14 2.24 19.56
CA LYS A 140 2.27 1.89 18.71
C LYS A 140 3.06 3.11 18.22
N ALA A 141 2.37 4.20 17.89
CA ALA A 141 3.03 5.46 17.51
C ALA A 141 3.84 6.01 18.66
N GLU A 142 3.28 5.94 19.87
CA GLU A 142 3.98 6.44 21.03
C GLU A 142 5.21 5.59 21.30
N GLN A 143 5.10 4.28 21.15
CA GLN A 143 6.26 3.42 21.33
C GLN A 143 7.36 3.76 20.34
N LEU A 144 6.98 3.91 19.07
CA LEU A 144 7.96 4.35 18.06
C LEU A 144 8.66 5.65 18.45
N VAL A 145 7.88 6.66 18.80
CA VAL A 145 8.48 7.97 19.11
C VAL A 145 9.43 7.88 20.32
N GLU A 146 9.08 7.09 21.34
CA GLU A 146 9.96 6.94 22.48
C GLU A 146 11.28 6.26 22.10
N ILE A 147 11.22 5.22 21.28
CA ILE A 147 12.43 4.56 20.78
C ILE A 147 13.31 5.55 20.01
N LEU A 148 12.68 6.34 19.15
CA LEU A 148 13.40 7.33 18.33
C LEU A 148 13.99 8.47 19.18
N GLU A 149 13.24 8.95 20.16
CA GLU A 149 13.68 10.05 21.04
C GLU A 149 14.96 9.67 21.76
N ALA A 150 15.11 8.40 22.16
CA ALA A 150 16.33 7.94 22.84
C ALA A 150 17.58 7.95 21.93
N LYS A 151 17.35 7.98 20.61
CA LYS A 151 18.43 8.05 19.62
C LYS A 151 18.63 9.46 19.00
N ALA A 152 17.93 10.45 19.52
CA ALA A 152 17.86 11.76 18.86
C ALA A 152 19.03 12.65 19.29
N ASP A 153 20.25 12.19 18.98
CA ASP A 153 21.50 12.85 19.34
C ASP A 153 22.17 13.59 18.16
N GLY A 154 21.44 13.73 17.07
CA GLY A 154 21.93 14.38 15.85
C GLY A 154 23.09 13.70 15.14
N GLN A 155 23.33 12.44 15.45
CA GLN A 155 24.54 11.75 14.99
C GLN A 155 24.26 10.29 14.63
N THR A 156 23.50 9.59 15.46
CA THR A 156 23.21 8.18 15.26
C THR A 156 22.31 7.98 14.04
N PRO A 157 22.77 7.23 13.01
CA PRO A 157 21.86 7.07 11.87
C PRO A 157 20.75 6.06 12.19
N VAL A 158 19.52 6.41 11.80
CA VAL A 158 18.33 5.58 12.04
C VAL A 158 17.64 5.32 10.72
N SER A 159 17.40 4.06 10.39
CA SER A 159 16.65 3.76 9.18
C SER A 159 15.17 3.97 9.44
N MET A 160 14.63 5.07 8.92
CA MET A 160 13.23 5.34 9.08
C MET A 160 12.38 4.36 8.28
N GLN A 161 12.89 3.85 7.17
CA GLN A 161 12.13 2.83 6.45
C GLN A 161 11.91 1.63 7.38
N ASP A 162 12.97 1.16 8.04
CA ASP A 162 12.85 -0.03 8.89
C ASP A 162 11.92 0.26 10.06
N MET A 163 12.14 1.40 10.73
CA MET A 163 11.34 1.70 11.94
C MET A 163 9.86 1.84 11.61
N LEU A 164 9.56 2.46 10.48
CA LEU A 164 8.18 2.67 10.11
C LEU A 164 7.54 1.35 9.68
N THR A 165 8.28 0.44 9.08
CA THR A 165 7.77 -0.88 8.68
C THR A 165 7.43 -1.71 9.93
N TYR A 166 8.30 -1.62 10.95
CA TYR A 166 8.05 -2.36 12.21
C TYR A 166 6.80 -1.83 12.91
N THR A 167 6.63 -0.52 12.84
CA THR A 167 5.51 0.15 13.49
C THR A 167 4.21 -0.26 12.77
N ALA A 168 4.25 -0.23 11.44
CA ALA A 168 3.09 -0.63 10.64
C ALA A 168 2.72 -2.10 10.90
N MET A 169 3.75 -2.95 10.98
CA MET A 169 3.50 -4.37 11.25
C MET A 169 2.86 -4.56 12.61
N ASP A 170 3.43 -3.93 13.62
CA ASP A 170 2.91 -4.06 14.97
C ASP A 170 1.49 -3.53 15.10
N ILE A 171 1.20 -2.41 14.44
CA ILE A 171 -0.18 -1.90 14.38
C ILE A 171 -1.11 -2.93 13.75
N LEU A 172 -0.76 -3.41 12.55
CA LEU A 172 -1.63 -4.33 11.83
C LEU A 172 -1.90 -5.61 12.65
N ALA A 173 -0.84 -6.23 13.16
CA ALA A 173 -1.00 -7.49 13.83
C ALA A 173 -1.96 -7.35 15.03
N LYS A 174 -1.85 -6.25 15.77
CA LYS A 174 -2.71 -6.04 16.94
C LYS A 174 -4.15 -5.69 16.51
N ALA A 175 -4.25 -4.70 15.63
CA ALA A 175 -5.56 -4.21 15.15
C ALA A 175 -6.39 -5.28 14.47
N ALA A 176 -5.78 -6.03 13.57
CA ALA A 176 -6.49 -7.02 12.72
C ALA A 176 -6.67 -8.38 13.37
N PHE A 177 -5.68 -8.80 14.17
CA PHE A 177 -5.62 -10.18 14.64
C PHE A 177 -5.56 -10.35 16.16
N GLY A 178 -5.51 -9.25 16.90
CA GLY A 178 -5.26 -9.32 18.34
C GLY A 178 -3.91 -9.88 18.77
N MET A 179 -2.93 -9.78 17.89
CA MET A 179 -1.61 -10.38 18.01
C MET A 179 -0.56 -9.29 18.36
N GLU A 180 0.35 -9.59 19.28
CA GLU A 180 1.50 -8.71 19.53
C GLU A 180 2.75 -9.23 18.85
N THR A 181 3.17 -8.60 17.77
CA THR A 181 4.37 -9.04 17.06
C THR A 181 5.64 -8.48 17.71
N SER A 182 5.52 -7.30 18.33
CA SER A 182 6.64 -6.61 19.00
C SER A 182 7.91 -6.46 18.16
N MET A 183 7.75 -6.23 16.86
CA MET A 183 8.90 -5.93 16.01
C MET A 183 9.63 -4.68 16.45
N LEU A 184 8.93 -3.74 17.06
CA LEU A 184 9.58 -2.50 17.58
C LEU A 184 10.53 -2.78 18.75
N LEU A 185 10.33 -3.93 19.41
CA LEU A 185 11.21 -4.38 20.47
C LEU A 185 12.30 -5.33 19.96
N GLY A 186 12.36 -5.54 18.65
CA GLY A 186 13.32 -6.49 18.05
C GLY A 186 12.91 -7.97 18.03
N ALA A 187 11.65 -8.25 18.36
CA ALA A 187 11.09 -9.62 18.29
C ALA A 187 10.68 -10.05 16.88
N GLN A 188 10.40 -11.34 16.76
CA GLN A 188 9.88 -11.95 15.51
C GLN A 188 10.77 -11.71 14.28
N LYS A 189 12.08 -11.88 14.45
CA LYS A 189 12.99 -11.71 13.32
C LYS A 189 12.76 -12.76 12.22
N PRO A 190 12.45 -14.04 12.57
CA PRO A 190 12.12 -15.00 11.50
C PRO A 190 10.94 -14.56 10.67
N LEU A 191 9.92 -14.01 11.32
CA LEU A 191 8.73 -13.51 10.61
C LEU A 191 9.06 -12.34 9.67
N SER A 192 9.88 -11.42 10.17
CA SER A 192 10.34 -10.27 9.39
C SER A 192 11.13 -10.72 8.15
N GLN A 193 11.99 -11.72 8.34
CA GLN A 193 12.75 -12.29 7.24
C GLN A 193 11.84 -12.98 6.24
N ALA A 194 10.82 -13.67 6.76
CA ALA A 194 9.86 -14.36 5.89
C ALA A 194 9.15 -13.39 4.96
N VAL A 195 8.72 -12.26 5.54
CA VAL A 195 8.01 -11.24 4.77
C VAL A 195 8.92 -10.69 3.68
N LYS A 196 10.17 -10.41 4.04
CA LYS A 196 11.14 -9.83 3.09
C LYS A 196 11.36 -10.76 1.90
N LEU A 197 11.57 -12.04 2.17
CA LEU A 197 11.83 -13.01 1.12
C LEU A 197 10.63 -13.25 0.25
N MET A 198 9.44 -13.25 0.87
CA MET A 198 8.20 -13.42 0.12
C MET A 198 8.03 -12.28 -0.89
N LEU A 199 8.31 -11.05 -0.45
CA LEU A 199 8.21 -9.88 -1.32
C LEU A 199 9.22 -9.97 -2.46
N GLU A 200 10.43 -10.41 -2.14
CA GLU A 200 11.43 -10.69 -3.17
C GLU A 200 10.95 -11.77 -4.16
N GLY A 201 10.21 -12.75 -3.67
CA GLY A 201 9.68 -13.83 -4.51
C GLY A 201 8.64 -13.31 -5.49
N ILE A 202 7.77 -12.41 -5.00
CA ILE A 202 6.74 -11.82 -5.86
C ILE A 202 7.45 -11.10 -7.01
N THR A 203 8.45 -10.31 -6.64
CA THR A 203 9.28 -9.52 -7.57
C THR A 203 10.02 -10.39 -8.59
N ALA A 204 10.63 -11.46 -8.13
CA ALA A 204 11.36 -12.36 -9.01
C ALA A 204 10.40 -13.04 -9.98
N SER A 205 9.21 -13.43 -9.51
CA SER A 205 8.21 -14.07 -10.38
C SER A 205 7.80 -13.17 -11.56
N ARG A 206 7.69 -11.87 -11.29
CA ARG A 206 7.26 -10.87 -12.28
C ARG A 206 8.42 -10.32 -13.18
N ASN A 207 9.67 -10.72 -12.86
CA ASN A 207 10.87 -10.36 -13.69
C ASN A 207 11.79 -11.56 -13.98
N THR A 208 13.02 -11.51 -13.47
CA THR A 208 14.06 -12.53 -13.70
C THR A 208 14.07 -13.04 -15.14
N PHE A 212 24.47 -19.24 -12.73
CA PHE A 212 23.48 -18.80 -11.76
C PHE A 212 22.55 -19.93 -11.28
N LEU A 213 22.94 -21.19 -11.48
CA LEU A 213 22.12 -22.36 -11.02
C LEU A 213 22.08 -22.42 -9.48
N PRO A 214 23.23 -22.17 -8.85
CA PRO A 214 23.34 -22.10 -7.38
C PRO A 214 22.53 -20.94 -6.80
N GLY A 215 22.45 -19.83 -7.55
CA GLY A 215 21.60 -18.68 -7.22
C GLY A 215 20.10 -19.03 -7.27
N LYS A 216 19.69 -19.78 -8.29
CA LYS A 216 18.29 -20.19 -8.48
C LYS A 216 17.82 -21.14 -7.37
N ARG A 217 18.68 -22.09 -6.98
CA ARG A 217 18.34 -23.10 -5.96
C ARG A 217 18.04 -22.54 -4.56
N LYS A 218 18.98 -21.77 -4.03
CA LYS A 218 18.81 -21.15 -2.72
C LYS A 218 17.64 -20.15 -2.67
N GLN A 219 17.46 -19.39 -3.76
CA GLN A 219 16.40 -18.42 -3.88
C GLN A 219 15.05 -19.11 -3.79
N LEU A 220 14.90 -20.17 -4.58
CA LEU A 220 13.63 -20.92 -4.60
C LEU A 220 13.35 -21.46 -3.21
N ARG A 221 14.37 -22.07 -2.59
CA ARG A 221 14.23 -22.69 -1.27
C ARG A 221 13.76 -21.68 -0.22
N GLU A 222 14.44 -20.54 -0.17
CA GLU A 222 14.13 -19.52 0.83
C GLU A 222 12.77 -18.87 0.58
N VAL A 223 12.42 -18.62 -0.68
CA VAL A 223 11.14 -18.03 -0.97
C VAL A 223 10.02 -19.01 -0.62
N ARG A 224 10.13 -20.24 -1.09
CA ARG A 224 9.08 -21.22 -0.83
C ARG A 224 8.85 -21.43 0.68
N GLU A 225 9.93 -21.54 1.45
CA GLU A 225 9.80 -21.79 2.89
C GLU A 225 9.20 -20.59 3.62
N SER A 226 9.46 -19.39 3.12
CA SER A 226 8.93 -18.16 3.70
C SER A 226 7.41 -18.08 3.52
N ILE A 227 6.94 -18.44 2.33
CA ILE A 227 5.52 -18.43 2.05
C ILE A 227 4.82 -19.48 2.94
N ARG A 228 5.38 -20.68 3.01
CA ARG A 228 4.84 -21.71 3.91
C ARG A 228 4.81 -21.21 5.38
N PHE A 229 5.86 -20.50 5.80
CA PHE A 229 5.94 -19.97 7.17
C PHE A 229 4.81 -19.00 7.45
N LEU A 230 4.58 -18.10 6.51
CA LEU A 230 3.53 -17.11 6.62
C LEU A 230 2.14 -17.79 6.77
N ARG A 231 1.86 -18.81 5.96
CA ARG A 231 0.58 -19.50 6.08
C ARG A 231 0.48 -20.29 7.36
N GLN A 232 1.61 -20.84 7.82
CA GLN A 232 1.64 -21.54 9.10
C GLN A 232 1.40 -20.58 10.29
N VAL A 233 1.91 -19.36 10.22
CA VAL A 233 1.58 -18.32 11.21
C VAL A 233 0.04 -18.16 11.26
N GLY A 234 -0.58 -18.10 10.08
CA GLY A 234 -2.04 -18.02 9.98
C GLY A 234 -2.74 -19.18 10.65
N ARG A 235 -2.30 -20.39 10.32
CA ARG A 235 -2.89 -21.59 10.91
C ARG A 235 -2.79 -21.58 12.44
N ASP A 236 -1.63 -21.20 12.95
CA ASP A 236 -1.38 -21.19 14.39
C ASP A 236 -2.27 -20.15 15.07
N TRP A 237 -2.40 -19.00 14.45
CA TRP A 237 -3.18 -17.93 15.07
C TRP A 237 -4.68 -18.15 14.98
N VAL A 238 -5.12 -18.71 13.86
CA VAL A 238 -6.51 -19.14 13.75
C VAL A 238 -6.86 -20.20 14.81
N GLN A 239 -5.95 -21.15 15.06
CA GLN A 239 -6.19 -22.18 16.05
C GLN A 239 -6.32 -21.52 17.43
N ARG A 240 -5.45 -20.56 17.74
CA ARG A 240 -5.51 -19.83 19.03
C ARG A 240 -6.82 -19.06 19.24
N ARG A 241 -7.27 -18.41 18.19
CA ARG A 241 -8.55 -17.68 18.16
C ARG A 241 -9.71 -18.64 18.40
N ARG A 242 -9.75 -19.76 17.67
CA ARG A 242 -10.82 -20.74 17.85
C ARG A 242 -10.85 -21.32 19.26
N GLU A 243 -9.66 -21.55 19.83
CA GLU A 243 -9.52 -22.08 21.18
C GLU A 243 -9.97 -21.06 22.24
N ALA A 244 -9.61 -19.79 22.02
CA ALA A 244 -10.04 -18.71 22.92
C ALA A 244 -11.56 -18.60 22.95
N LEU A 245 -12.19 -18.64 21.78
CA LEU A 245 -13.65 -18.63 21.68
C LEU A 245 -14.32 -19.81 22.37
N LYS A 246 -13.71 -20.99 22.25
CA LYS A 246 -14.25 -22.22 22.83
C LYS A 246 -14.17 -22.22 24.37
N ARG A 247 -13.10 -21.62 24.90
CA ARG A 247 -12.93 -21.42 26.34
C ARG A 247 -13.74 -20.24 26.90
N GLY A 248 -14.40 -19.48 26.03
CA GLY A 248 -15.22 -18.34 26.43
C GLY A 248 -14.43 -17.13 26.89
N GLU A 249 -13.28 -16.91 26.27
CA GLU A 249 -12.43 -15.76 26.60
C GLU A 249 -12.95 -14.56 25.84
N GLU A 250 -12.51 -13.40 26.30
CA GLU A 250 -12.77 -12.14 25.63
C GLU A 250 -12.00 -12.04 24.32
N VAL A 251 -12.73 -11.99 23.21
CA VAL A 251 -12.14 -11.76 21.89
C VAL A 251 -12.82 -10.56 21.19
N PRO A 252 -12.20 -9.37 21.20
CA PRO A 252 -12.80 -8.23 20.48
C PRO A 252 -12.95 -8.47 18.96
N ALA A 253 -14.11 -8.10 18.39
CA ALA A 253 -14.36 -8.26 16.98
C ALA A 253 -13.33 -7.44 16.21
N ASP A 254 -12.71 -8.10 15.23
CA ASP A 254 -11.69 -7.49 14.44
C ASP A 254 -11.73 -8.03 13.00
N ILE A 255 -10.74 -7.70 12.19
CA ILE A 255 -10.66 -8.18 10.83
C ILE A 255 -10.70 -9.72 10.78
N LEU A 256 -9.99 -10.37 11.68
CA LEU A 256 -9.97 -11.84 11.70
C LEU A 256 -11.38 -12.42 11.94
N THR A 257 -12.19 -11.78 12.80
CA THR A 257 -13.57 -12.22 13.04
C THR A 257 -14.31 -12.32 11.72
N GLN A 258 -14.16 -11.30 10.88
CA GLN A 258 -14.92 -11.26 9.62
C GLN A 258 -14.30 -12.17 8.55
N ILE A 259 -12.99 -12.32 8.57
CA ILE A 259 -12.31 -13.31 7.70
C ILE A 259 -12.82 -14.73 8.01
N LEU A 260 -12.96 -15.04 9.30
CA LEU A 260 -13.55 -16.30 9.73
C LEU A 260 -15.02 -16.41 9.30
N LYS A 261 -15.80 -15.33 9.47
CA LYS A 261 -17.22 -15.36 9.12
C LYS A 261 -17.41 -15.61 7.63
N ALA A 262 -16.52 -15.06 6.80
CA ALA A 262 -16.60 -15.23 5.36
C ALA A 262 -16.44 -16.70 4.96
N GLU A 263 -15.72 -17.48 5.77
CA GLU A 263 -15.41 -18.88 5.48
C GLU A 263 -16.38 -19.85 6.13
N GLU A 264 -17.39 -19.34 6.85
CA GLU A 264 -18.38 -20.19 7.51
C GLU A 264 -18.87 -21.26 6.55
N GLY A 265 -18.70 -22.52 6.98
CA GLY A 265 -19.14 -23.66 6.20
C GLY A 265 -18.33 -23.95 4.95
N ALA A 266 -17.11 -23.41 4.85
CA ALA A 266 -16.19 -23.76 3.75
C ALA A 266 -15.70 -25.21 3.90
N GLN A 267 -15.24 -25.82 2.81
CA GLN A 267 -14.81 -27.21 2.84
C GLN A 267 -13.41 -27.42 3.42
N ASP A 268 -12.57 -26.38 3.38
CA ASP A 268 -11.24 -26.41 3.99
C ASP A 268 -10.85 -25.00 4.47
N ASP A 269 -9.68 -24.84 5.08
CA ASP A 269 -9.24 -23.51 5.60
C ASP A 269 -8.35 -22.73 4.63
N GLU A 270 -8.25 -23.14 3.36
CA GLU A 270 -7.31 -22.46 2.45
C GLU A 270 -7.77 -21.04 2.11
N GLY A 271 -9.07 -20.86 2.01
CA GLY A 271 -9.64 -19.54 1.80
C GLY A 271 -9.38 -18.61 2.98
N LEU A 272 -9.54 -19.15 4.19
CA LEU A 272 -9.27 -18.41 5.41
C LEU A 272 -7.81 -17.95 5.41
N LEU A 273 -6.89 -18.87 5.08
CA LEU A 273 -5.46 -18.58 5.13
C LEU A 273 -5.06 -17.62 4.01
N ASP A 274 -5.69 -17.72 2.85
CA ASP A 274 -5.52 -16.71 1.78
C ASP A 274 -5.75 -15.31 2.32
N ASN A 275 -6.87 -15.11 3.01
CA ASN A 275 -7.19 -13.78 3.54
C ASN A 275 -6.39 -13.40 4.75
N PHE A 276 -6.02 -14.37 5.58
CA PHE A 276 -5.10 -14.09 6.66
C PHE A 276 -3.84 -13.45 6.09
N VAL A 277 -3.23 -14.13 5.13
CA VAL A 277 -1.95 -13.66 4.59
C VAL A 277 -2.12 -12.35 3.81
N THR A 278 -3.20 -12.25 3.03
CA THR A 278 -3.54 -11.02 2.31
C THR A 278 -3.55 -9.82 3.25
N PHE A 279 -4.28 -9.94 4.35
CA PHE A 279 -4.40 -8.83 5.28
C PHE A 279 -3.11 -8.64 6.09
N PHE A 280 -2.40 -9.73 6.41
CA PHE A 280 -1.13 -9.62 7.14
C PHE A 280 -0.14 -8.75 6.35
N ILE A 281 -0.09 -8.94 5.04
CA ILE A 281 0.84 -8.20 4.21
C ILE A 281 0.28 -6.86 3.74
N ALA A 282 -0.92 -6.89 3.16
CA ALA A 282 -1.51 -5.66 2.61
C ALA A 282 -1.76 -4.63 3.69
N GLY A 283 -2.05 -5.11 4.90
CA GLY A 283 -2.40 -4.25 6.01
C GLY A 283 -1.24 -3.51 6.64
N HIS A 284 -0.01 -3.84 6.23
CA HIS A 284 1.15 -3.07 6.71
C HIS A 284 2.11 -2.58 5.65
N GLU A 285 2.27 -3.30 4.54
CA GLU A 285 3.35 -2.98 3.61
C GLU A 285 3.18 -1.62 2.91
N THR A 286 2.01 -1.38 2.33
CA THR A 286 1.76 -0.11 1.65
C THR A 286 1.75 1.05 2.62
N SER A 287 1.22 0.84 3.82
CA SER A 287 1.17 1.93 4.81
C SER A 287 2.63 2.30 5.17
N ALA A 288 3.46 1.26 5.36
CA ALA A 288 4.89 1.48 5.64
C ALA A 288 5.56 2.26 4.52
N ASN A 289 5.31 1.84 3.28
CA ASN A 289 5.90 2.50 2.11
C ASN A 289 5.52 3.99 2.09
N HIS A 290 4.24 4.25 2.30
CA HIS A 290 3.71 5.62 2.31
C HIS A 290 4.32 6.46 3.41
N LEU A 291 4.42 5.90 4.63
CA LEU A 291 5.12 6.62 5.72
C LEU A 291 6.59 6.92 5.33
N ALA A 292 7.32 5.92 4.85
CA ALA A 292 8.71 6.10 4.45
C ALA A 292 8.89 7.18 3.37
N PHE A 293 8.06 7.11 2.34
CA PHE A 293 8.12 8.14 1.25
C PHE A 293 7.88 9.54 1.81
N THR A 294 6.94 9.66 2.75
CA THR A 294 6.55 10.97 3.26
C THR A 294 7.67 11.55 4.11
N VAL A 295 8.24 10.73 4.98
CA VAL A 295 9.41 11.14 5.78
C VAL A 295 10.59 11.52 4.89
N MET A 296 10.90 10.69 3.90
CA MET A 296 11.91 10.99 2.89
C MET A 296 11.69 12.35 2.23
N GLU A 297 10.50 12.58 1.70
CA GLU A 297 10.26 13.82 0.96
C GLU A 297 10.32 15.02 1.90
N LEU A 298 9.75 14.88 3.09
CA LEU A 298 9.71 16.00 4.02
C LEU A 298 11.11 16.41 4.48
N SER A 299 12.07 15.48 4.45
CA SER A 299 13.44 15.84 4.84
C SER A 299 14.03 16.97 3.95
N ARG A 300 13.46 17.21 2.76
CA ARG A 300 13.92 18.31 1.90
C ARG A 300 12.88 19.42 1.75
N GLN A 301 11.92 19.46 2.67
CA GLN A 301 10.83 20.45 2.66
C GLN A 301 10.75 21.14 4.01
N PRO A 302 11.79 21.89 4.38
CA PRO A 302 11.81 22.44 5.75
C PRO A 302 10.65 23.41 6.00
N GLU A 303 10.23 24.17 4.99
CA GLU A 303 9.15 25.12 5.18
C GLU A 303 7.82 24.39 5.46
N ILE A 304 7.53 23.38 4.68
CA ILE A 304 6.33 22.54 4.90
C ILE A 304 6.43 21.88 6.29
N VAL A 305 7.60 21.36 6.64
CA VAL A 305 7.74 20.72 7.96
C VAL A 305 7.40 21.72 9.09
N ALA A 306 7.87 22.95 8.94
CA ALA A 306 7.60 23.99 9.96
C ALA A 306 6.09 24.23 10.10
N ARG A 307 5.38 24.23 8.95
CA ARG A 307 3.92 24.40 8.96
C ARG A 307 3.20 23.22 9.60
N LEU A 308 3.70 22.02 9.33
CA LEU A 308 3.14 20.82 9.92
C LEU A 308 3.34 20.82 11.42
N GLN A 309 4.54 21.20 11.85
CA GLN A 309 4.88 21.26 13.27
C GLN A 309 3.93 22.23 13.98
N ALA A 310 3.70 23.39 13.36
CA ALA A 310 2.81 24.38 13.92
C ALA A 310 1.40 23.85 14.05
N GLU A 311 0.94 23.12 13.03
CA GLU A 311 -0.43 22.61 13.03
C GLU A 311 -0.62 21.60 14.12
N VAL A 312 0.31 20.66 14.26
CA VAL A 312 0.18 19.65 15.32
C VAL A 312 0.25 20.32 16.68
N ASP A 313 1.11 21.34 16.81
CA ASP A 313 1.20 22.09 18.08
C ASP A 313 -0.14 22.75 18.45
N GLU A 314 -0.83 23.29 17.45
CA GLU A 314 -2.08 23.99 17.67
C GLU A 314 -3.30 23.07 17.90
N VAL A 315 -3.32 21.94 17.20
CA VAL A 315 -4.45 21.02 17.25
C VAL A 315 -4.38 20.12 18.49
N ILE A 316 -3.24 19.48 18.72
CA ILE A 316 -3.16 18.50 19.81
C ILE A 316 -2.37 18.97 21.02
N GLY A 317 -1.62 20.06 20.87
CA GLY A 317 -0.88 20.63 21.96
C GLY A 317 0.13 19.70 22.56
N SER A 318 0.01 19.52 23.87
CA SER A 318 0.92 18.64 24.61
C SER A 318 0.36 17.23 24.83
N LYS A 319 -0.94 17.03 24.51
CA LYS A 319 -1.57 15.69 24.54
C LYS A 319 -0.66 14.63 23.94
N ARG A 320 -0.56 13.50 24.62
CA ARG A 320 0.24 12.38 24.11
C ARG A 320 -0.62 11.59 23.11
N TYR A 321 -1.94 11.58 23.35
CA TYR A 321 -2.92 10.78 22.63
C TYR A 321 -3.80 11.62 21.67
N LEU A 322 -3.90 11.22 20.41
CA LEU A 322 -4.83 11.84 19.47
C LEU A 322 -6.18 11.19 19.55
N ASP A 323 -7.20 12.02 19.68
CA ASP A 323 -8.58 11.57 19.67
C ASP A 323 -9.00 11.51 18.22
N PHE A 324 -10.03 10.71 17.95
CA PHE A 324 -10.54 10.58 16.60
C PHE A 324 -10.88 11.95 15.99
N GLU A 325 -11.56 12.81 16.78
CA GLU A 325 -11.98 14.15 16.32
C GLU A 325 -10.79 15.04 15.93
N ASP A 326 -9.62 14.81 16.55
CA ASP A 326 -8.42 15.56 16.18
C ASP A 326 -7.95 15.31 14.75
N LEU A 327 -8.21 14.11 14.22
CA LEU A 327 -7.70 13.70 12.92
C LEU A 327 -8.19 14.62 11.81
N GLY A 328 -9.48 14.98 11.85
CA GLY A 328 -10.08 15.83 10.83
C GLY A 328 -9.57 17.24 10.90
N ARG A 329 -9.09 17.64 12.07
CA ARG A 329 -8.51 18.97 12.28
C ARG A 329 -7.08 19.13 11.72
N LEU A 330 -6.42 18.03 11.43
CA LEU A 330 -5.04 18.07 10.87
C LEU A 330 -5.11 18.22 9.36
N GLN A 331 -5.70 19.33 8.94
CA GLN A 331 -6.02 19.57 7.51
C GLN A 331 -4.76 19.68 6.64
N TYR A 332 -3.77 20.45 7.07
CA TYR A 332 -2.55 20.57 6.28
C TYR A 332 -1.80 19.24 6.16
N LEU A 333 -1.71 18.47 7.24
CA LEU A 333 -1.16 17.13 7.19
C LEU A 333 -1.91 16.26 6.19
N SER A 334 -3.24 16.33 6.16
CA SER A 334 -4.00 15.51 5.21
CA SER A 334 -4.01 15.52 5.21
CA SER A 334 -4.05 15.55 5.20
C SER A 334 -3.59 15.87 3.78
N GLN A 335 -3.35 17.14 3.52
CA GLN A 335 -2.98 17.59 2.19
C GLN A 335 -1.59 17.11 1.81
N VAL A 336 -0.67 17.19 2.76
CA VAL A 336 0.70 16.71 2.55
C VAL A 336 0.73 15.21 2.24
N LEU A 337 -0.09 14.47 2.96
CA LEU A 337 -0.20 13.02 2.73
C LEU A 337 -0.81 12.69 1.36
N LYS A 338 -1.82 13.45 0.93
CA LYS A 338 -2.35 13.31 -0.42
C LYS A 338 -1.29 13.58 -1.48
N GLU A 339 -0.52 14.63 -1.28
CA GLU A 339 0.52 15.00 -2.25
C GLU A 339 1.65 13.96 -2.28
N SER A 340 1.96 13.38 -1.12
CA SER A 340 2.92 12.29 -1.07
C SER A 340 2.47 11.10 -1.92
N LEU A 341 1.18 10.77 -1.86
CA LEU A 341 0.61 9.65 -2.63
C LEU A 341 0.49 9.98 -4.14
N ARG A 342 0.43 11.26 -4.50
CA ARG A 342 0.42 11.62 -5.92
C ARG A 342 1.74 11.24 -6.58
N LEU A 343 2.83 11.61 -5.95
CA LEU A 343 4.18 11.35 -6.48
C LEU A 343 4.70 9.96 -6.13
N TYR A 344 4.27 9.41 -5.00
CA TYR A 344 4.85 8.16 -4.49
C TYR A 344 3.73 7.21 -4.03
N PRO A 345 2.90 6.71 -4.98
CA PRO A 345 1.87 5.75 -4.67
C PRO A 345 2.49 4.35 -4.48
N PRO A 346 2.38 3.76 -3.27
CA PRO A 346 3.01 2.43 -3.12
C PRO A 346 2.44 1.37 -4.07
N ALA A 347 1.12 1.42 -4.30
CA ALA A 347 0.46 0.54 -5.29
C ALA A 347 0.19 1.42 -6.49
N TRP A 348 0.91 1.21 -7.58
CA TRP A 348 1.00 2.23 -8.62
C TRP A 348 -0.22 2.27 -9.49
N GLY A 349 -1.03 1.21 -9.42
CA GLY A 349 -2.19 1.11 -10.29
C GLY A 349 -2.87 -0.23 -10.19
N THR A 350 -3.61 -0.56 -11.25
CA THR A 350 -4.45 -1.75 -11.28
C THR A 350 -4.68 -2.19 -12.75
N PHE A 351 -5.22 -3.39 -12.91
CA PHE A 351 -5.53 -3.94 -14.22
C PHE A 351 -7.00 -4.31 -14.32
N ARG A 352 -7.58 -4.09 -15.49
CA ARG A 352 -8.92 -4.62 -15.79
C ARG A 352 -8.85 -5.41 -17.09
N LEU A 353 -9.64 -6.47 -17.16
CA LEU A 353 -9.78 -7.25 -18.39
C LEU A 353 -10.77 -6.61 -19.34
N LEU A 354 -10.30 -6.28 -20.54
CA LEU A 354 -11.18 -5.85 -21.62
C LEU A 354 -11.61 -7.13 -22.34
N GLU A 355 -12.89 -7.47 -22.25
CA GLU A 355 -13.38 -8.71 -22.86
C GLU A 355 -13.64 -8.59 -24.36
N GLU A 356 -14.15 -7.46 -24.82
CA GLU A 356 -14.58 -7.29 -26.20
C GLU A 356 -13.76 -6.18 -26.86
N GLU A 357 -13.55 -6.29 -28.15
CA GLU A 357 -12.81 -5.25 -28.87
C GLU A 357 -13.54 -3.92 -28.63
N THR A 358 -12.78 -2.87 -28.35
CA THR A 358 -13.33 -1.59 -27.92
C THR A 358 -12.43 -0.45 -28.45
N LEU A 359 -13.04 0.66 -28.85
CA LEU A 359 -12.29 1.85 -29.24
C LEU A 359 -12.03 2.64 -27.96
N ILE A 360 -10.76 2.89 -27.65
CA ILE A 360 -10.39 3.63 -26.45
C ILE A 360 -9.57 4.83 -26.93
N ASP A 361 -10.08 6.04 -26.75
CA ASP A 361 -9.39 7.25 -27.22
C ASP A 361 -8.84 7.12 -28.65
N GLY A 362 -9.68 6.63 -29.55
CA GLY A 362 -9.32 6.60 -30.97
C GLY A 362 -8.48 5.40 -31.38
N VAL A 363 -8.26 4.46 -30.45
CA VAL A 363 -7.37 3.32 -30.68
C VAL A 363 -8.18 2.05 -30.56
N ARG A 364 -8.08 1.19 -31.56
CA ARG A 364 -8.79 -0.08 -31.53
C ARG A 364 -8.04 -1.07 -30.64
N VAL A 365 -8.65 -1.46 -29.52
CA VAL A 365 -8.02 -2.39 -28.59
C VAL A 365 -8.73 -3.75 -28.65
N PRO A 366 -8.00 -4.81 -29.04
CA PRO A 366 -8.62 -6.11 -29.21
C PRO A 366 -9.20 -6.66 -27.90
N GLY A 367 -10.15 -7.58 -28.05
CA GLY A 367 -10.72 -8.22 -26.88
C GLY A 367 -9.74 -9.15 -26.21
N ASN A 368 -10.00 -9.41 -24.93
CA ASN A 368 -9.12 -10.19 -24.07
C ASN A 368 -7.76 -9.53 -23.97
N THR A 369 -7.76 -8.32 -23.43
CA THR A 369 -6.54 -7.53 -23.28
C THR A 369 -6.50 -6.98 -21.88
N PRO A 370 -5.37 -7.11 -21.19
CA PRO A 370 -5.26 -6.43 -19.90
C PRO A 370 -5.05 -4.93 -20.09
N LEU A 371 -5.92 -4.14 -19.48
CA LEU A 371 -5.78 -2.67 -19.46
C LEU A 371 -5.08 -2.27 -18.16
N LEU A 372 -4.01 -1.49 -18.30
CA LEU A 372 -3.17 -1.05 -17.20
C LEU A 372 -3.49 0.42 -16.88
N PHE A 373 -3.85 0.69 -15.63
CA PHE A 373 -4.17 2.02 -15.15
C PHE A 373 -3.10 2.36 -14.12
N SER A 374 -2.55 3.56 -14.22
CA SER A 374 -1.45 3.94 -13.34
C SER A 374 -1.60 5.35 -12.80
N THR A 375 -1.80 5.44 -11.48
CA THR A 375 -1.83 6.74 -10.78
C THR A 375 -0.42 7.34 -10.68
N TYR A 376 0.59 6.48 -10.71
CA TYR A 376 1.99 6.93 -10.78
C TYR A 376 2.24 7.73 -12.07
N VAL A 377 1.84 7.16 -13.19
CA VAL A 377 2.10 7.76 -14.50
C VAL A 377 1.27 9.05 -14.60
N MET A 378 -0.02 8.96 -14.29
CA MET A 378 -0.86 10.17 -14.47
C MET A 378 -0.45 11.30 -13.52
N GLY A 379 0.01 10.93 -12.34
CA GLY A 379 0.45 11.93 -11.35
C GLY A 379 1.66 12.75 -11.81
N ARG A 380 2.44 12.18 -12.73
CA ARG A 380 3.67 12.83 -13.21
C ARG A 380 3.56 13.41 -14.62
N MET A 381 2.34 13.46 -15.13
CA MET A 381 2.07 14.03 -16.45
C MET A 381 1.64 15.50 -16.36
N ASP A 382 2.38 16.37 -17.03
CA ASP A 382 1.99 17.78 -17.06
C ASP A 382 0.61 18.06 -17.63
N THR A 383 0.08 17.15 -18.45
CA THR A 383 -1.28 17.31 -18.96
CA THR A 383 -1.28 17.26 -18.97
C THR A 383 -2.31 17.28 -17.82
N TYR A 384 -1.98 16.59 -16.72
CA TYR A 384 -2.91 16.46 -15.58
C TYR A 384 -2.56 17.26 -14.35
N PHE A 385 -1.27 17.50 -14.16
CA PHE A 385 -0.78 18.26 -13.02
C PHE A 385 0.28 19.28 -13.45
N GLU A 386 0.02 20.56 -13.24
CA GLU A 386 1.03 21.60 -13.52
C GLU A 386 2.29 21.36 -12.72
N ASP A 387 3.46 21.53 -13.35
CA ASP A 387 4.74 21.35 -12.66
C ASP A 387 4.72 20.07 -11.83
N PRO A 388 4.55 18.94 -12.52
CA PRO A 388 4.19 17.71 -11.81
C PRO A 388 5.22 17.20 -10.83
N LEU A 389 6.49 17.54 -10.99
CA LEU A 389 7.52 17.06 -10.09
C LEU A 389 7.68 17.94 -8.82
N THR A 390 6.94 19.04 -8.77
CA THR A 390 6.99 19.90 -7.61
C THR A 390 6.04 19.34 -6.54
N PHE A 391 6.57 19.19 -5.32
CA PHE A 391 5.75 18.75 -4.19
C PHE A 391 5.02 19.98 -3.63
N ASN A 392 3.71 20.02 -3.82
CA ASN A 392 2.91 21.18 -3.42
C ASN A 392 1.62 20.73 -2.76
N PRO A 393 1.58 20.71 -1.42
CA PRO A 393 0.34 20.31 -0.71
C PRO A 393 -0.88 21.19 -1.05
N ASP A 394 -0.65 22.39 -1.56
CA ASP A 394 -1.77 23.28 -1.85
C ASP A 394 -2.68 22.76 -2.97
N ARG A 395 -2.20 21.79 -3.76
CA ARG A 395 -3.03 21.17 -4.80
C ARG A 395 -4.28 20.55 -4.20
N PHE A 396 -4.20 20.13 -2.94
CA PHE A 396 -5.31 19.51 -2.22
C PHE A 396 -5.99 20.44 -1.21
N GLY A 397 -5.78 21.72 -1.35
CA GLY A 397 -6.38 22.71 -0.45
C GLY A 397 -7.89 22.82 -0.65
N PRO A 398 -8.61 23.32 0.38
CA PRO A 398 -10.08 23.44 0.35
C PRO A 398 -10.67 24.08 -0.88
N GLY A 399 -10.06 25.15 -1.37
CA GLY A 399 -10.64 25.83 -2.54
C GLY A 399 -10.15 25.31 -3.87
N ALA A 400 -9.17 24.41 -3.87
CA ALA A 400 -8.52 23.92 -5.07
C ALA A 400 -9.44 22.95 -5.85
N PRO A 401 -9.44 23.04 -7.18
CA PRO A 401 -10.22 22.08 -7.96
C PRO A 401 -9.68 20.68 -7.81
N LYS A 402 -10.57 19.74 -7.54
CA LYS A 402 -10.14 18.37 -7.25
C LYS A 402 -9.76 17.65 -8.51
N PRO A 403 -8.69 16.82 -8.46
CA PRO A 403 -8.35 16.02 -9.60
C PRO A 403 -9.56 15.15 -10.01
N ARG A 404 -9.92 15.16 -11.28
CA ARG A 404 -11.04 14.31 -11.75
C ARG A 404 -10.51 13.13 -12.53
N PHE A 405 -10.44 11.98 -11.85
CA PHE A 405 -9.99 10.71 -12.44
C PHE A 405 -8.54 10.72 -12.93
N THR A 406 -7.69 11.56 -12.30
CA THR A 406 -6.27 11.62 -12.59
C THR A 406 -5.40 11.22 -11.37
N TYR A 407 -6.07 10.84 -10.28
CA TYR A 407 -5.41 10.59 -8.99
C TYR A 407 -6.16 9.50 -8.26
N PHE A 408 -5.49 8.36 -8.04
CA PHE A 408 -6.19 7.22 -7.43
C PHE A 408 -5.24 6.28 -6.69
N PRO A 409 -4.57 6.80 -5.65
CA PRO A 409 -3.63 5.98 -4.89
C PRO A 409 -4.29 4.83 -4.09
N PHE A 410 -5.61 4.89 -3.89
CA PHE A 410 -6.38 3.79 -3.30
C PHE A 410 -7.28 3.09 -4.34
N SER A 411 -6.99 3.36 -5.59
CA SER A 411 -7.85 3.01 -6.72
C SER A 411 -9.24 3.65 -6.61
N LEU A 412 -10.16 3.19 -7.44
CA LEU A 412 -11.49 3.75 -7.54
C LEU A 412 -12.47 2.63 -7.83
N GLY A 413 -13.73 2.92 -7.55
CA GLY A 413 -14.81 1.98 -7.84
C GLY A 413 -14.89 0.81 -6.86
N HIS A 414 -15.55 -0.25 -7.30
CA HIS A 414 -15.84 -1.39 -6.42
C HIS A 414 -14.62 -2.09 -5.90
N ARG A 415 -13.53 -2.07 -6.67
CA ARG A 415 -12.28 -2.69 -6.24
C ARG A 415 -11.28 -1.70 -5.61
N SER A 416 -11.79 -0.58 -5.09
CA SER A 416 -10.93 0.29 -4.33
C SER A 416 -10.52 -0.30 -2.98
N CYS A 417 -9.47 0.28 -2.39
CA CYS A 417 -8.88 -0.25 -1.17
C CYS A 417 -9.87 -0.30 -0.01
N ILE A 418 -10.09 -1.50 0.52
CA ILE A 418 -10.97 -1.66 1.70
C ILE A 418 -10.38 -1.00 2.94
N GLY A 419 -9.05 -0.87 2.94
CA GLY A 419 -8.31 -0.33 4.08
C GLY A 419 -8.01 1.16 4.02
N GLN A 420 -8.58 1.87 3.05
CA GLN A 420 -8.21 3.27 2.84
C GLN A 420 -8.33 4.12 4.09
N GLN A 421 -9.46 4.03 4.75
CA GLN A 421 -9.67 4.88 5.94
C GLN A 421 -8.83 4.40 7.13
N PHE A 422 -8.71 3.10 7.31
CA PHE A 422 -7.75 2.49 8.29
C PHE A 422 -6.35 3.09 8.08
N ALA A 423 -5.90 3.09 6.83
CA ALA A 423 -4.55 3.55 6.47
C ALA A 423 -4.40 5.06 6.74
N GLN A 424 -5.38 5.82 6.30
CA GLN A 424 -5.32 7.26 6.46
C GLN A 424 -5.28 7.65 7.93
N MET A 425 -6.06 6.96 8.75
CA MET A 425 -6.04 7.18 10.20
C MET A 425 -4.69 6.80 10.81
N GLU A 426 -4.18 5.61 10.49
CA GLU A 426 -2.94 5.18 11.14
C GLU A 426 -1.75 6.07 10.77
N VAL A 427 -1.68 6.45 9.50
CA VAL A 427 -0.55 7.25 9.05
CA VAL A 427 -0.59 7.26 9.01
C VAL A 427 -0.63 8.66 9.62
N LYS A 428 -1.83 9.22 9.76
CA LYS A 428 -1.99 10.55 10.43
C LYS A 428 -1.53 10.49 11.88
N VAL A 429 -1.87 9.41 12.58
CA VAL A 429 -1.48 9.25 13.97
C VAL A 429 0.03 9.18 14.09
N VAL A 430 0.62 8.32 13.26
CA VAL A 430 2.07 8.16 13.29
C VAL A 430 2.82 9.46 12.91
N MET A 431 2.38 10.10 11.82
CA MET A 431 3.05 11.33 11.39
C MET A 431 2.88 12.44 12.41
N ALA A 432 1.65 12.61 12.93
CA ALA A 432 1.41 13.69 13.90
C ALA A 432 2.34 13.54 15.11
N LYS A 433 2.51 12.31 15.60
CA LYS A 433 3.32 12.10 16.77
C LYS A 433 4.82 12.27 16.50
N LEU A 434 5.27 11.93 15.31
CA LEU A 434 6.63 12.22 14.92
C LEU A 434 6.86 13.75 14.86
N LEU A 435 5.96 14.44 14.18
CA LEU A 435 6.06 15.89 14.03
C LEU A 435 5.99 16.66 15.35
N GLN A 436 5.24 16.12 16.31
CA GLN A 436 5.11 16.72 17.63
C GLN A 436 6.43 16.71 18.37
N ARG A 437 7.22 15.67 18.18
CA ARG A 437 8.31 15.38 19.13
C ARG A 437 9.72 15.43 18.54
N LEU A 438 9.85 15.26 17.23
CA LEU A 438 11.17 15.04 16.63
C LEU A 438 11.39 15.87 15.39
N GLU A 439 12.65 16.21 15.16
CA GLU A 439 13.16 16.80 13.91
C GLU A 439 14.06 15.76 13.22
N PHE A 440 13.92 15.59 11.89
CA PHE A 440 14.67 14.58 11.10
C PHE A 440 15.50 15.26 10.04
N ARG A 441 16.75 14.83 9.89
CA ARG A 441 17.64 15.29 8.81
C ARG A 441 18.09 14.04 8.06
N LEU A 442 17.92 14.03 6.75
CA LEU A 442 18.33 12.90 5.95
C LEU A 442 19.87 12.84 5.90
N VAL A 443 20.47 11.68 6.14
CA VAL A 443 21.92 11.54 6.08
C VAL A 443 22.42 11.84 4.66
N PRO A 444 23.42 12.73 4.51
CA PRO A 444 23.92 13.03 3.16
C PRO A 444 24.34 11.76 2.41
N GLY A 445 23.99 11.72 1.13
CA GLY A 445 24.25 10.52 0.33
C GLY A 445 22.98 9.67 0.15
N GLN A 446 22.01 9.82 1.05
CA GLN A 446 20.75 9.10 0.91
C GLN A 446 20.02 9.64 -0.31
N ARG A 447 19.45 8.74 -1.07
CA ARG A 447 18.79 9.12 -2.31
C ARG A 447 17.27 9.30 -2.14
N PHE A 448 16.66 10.06 -3.08
CA PHE A 448 15.20 10.24 -3.11
C PHE A 448 14.51 9.33 -4.14
N GLY A 449 15.25 8.39 -4.68
CA GLY A 449 14.74 7.54 -5.75
C GLY A 449 13.81 6.45 -5.25
N LEU A 450 13.19 5.79 -6.21
CA LEU A 450 12.26 4.73 -5.94
C LEU A 450 12.84 3.43 -6.43
N GLN A 451 12.38 2.35 -5.81
CA GLN A 451 12.52 1.04 -6.41
C GLN A 451 11.14 0.40 -6.53
N GLU A 452 10.99 -0.48 -7.51
CA GLU A 452 9.77 -1.26 -7.68
C GLU A 452 10.08 -2.67 -7.25
N GLN A 453 9.53 -3.09 -6.14
CA GLN A 453 9.70 -4.46 -5.74
C GLN A 453 8.30 -5.04 -5.93
N ALA A 454 7.62 -5.46 -4.89
CA ALA A 454 6.25 -5.96 -5.02
C ALA A 454 5.34 -4.73 -4.97
N THR A 455 5.86 -3.68 -4.35
CA THR A 455 5.24 -2.35 -4.33
C THR A 455 6.34 -1.34 -4.64
N LEU A 456 5.96 -0.08 -4.79
CA LEU A 456 6.96 0.98 -4.94
C LEU A 456 7.37 1.41 -3.53
N LYS A 457 8.66 1.63 -3.31
CA LYS A 457 9.15 2.06 -2.00
C LYS A 457 10.44 2.80 -2.18
N PRO A 458 10.91 3.51 -1.17
CA PRO A 458 12.19 4.20 -1.36
C PRO A 458 13.34 3.24 -1.67
N LEU A 459 14.25 3.67 -2.53
CA LEU A 459 15.42 2.88 -2.89
C LEU A 459 16.34 2.68 -1.71
N ASP A 460 16.53 3.74 -0.93
CA ASP A 460 17.40 3.72 0.23
C ASP A 460 16.59 3.57 1.53
N PRO A 461 17.26 3.24 2.65
CA PRO A 461 16.56 2.99 3.94
C PRO A 461 16.02 4.24 4.68
N VAL A 462 16.08 5.40 4.04
CA VAL A 462 15.64 6.67 4.63
C VAL A 462 16.41 6.84 5.94
N LEU A 463 17.72 6.75 5.83
CA LEU A 463 18.59 6.94 6.98
CA LEU A 463 18.61 6.93 6.96
C LEU A 463 18.59 8.41 7.39
N CYS A 464 18.22 8.67 8.66
CA CYS A 464 18.16 10.02 9.19
C CYS A 464 18.91 10.12 10.50
N THR A 465 19.32 11.33 10.83
CA THR A 465 19.64 11.70 12.20
C THR A 465 18.46 12.51 12.77
N LEU A 466 18.33 12.49 14.09
CA LEU A 466 17.16 12.99 14.79
C LEU A 466 17.58 13.91 15.91
N ARG A 467 16.77 14.91 16.19
CA ARG A 467 16.89 15.73 17.38
C ARG A 467 15.50 15.92 17.98
N PRO A 468 15.40 16.10 19.31
CA PRO A 468 14.10 16.50 19.90
C PRO A 468 13.71 17.88 19.46
N ARG A 469 12.42 18.13 19.34
CA ARG A 469 11.95 19.48 19.08
C ARG A 469 12.12 20.37 20.29
CHA HEM B . -6.76 -2.78 -2.49
CHB HEM B . -3.53 1.01 -1.97
CHC HEM B . -3.57 0.31 2.85
CHD HEM B . -6.08 -3.91 2.20
C1A HEM B . -5.91 -1.63 -2.74
C2A HEM B . -5.73 -1.09 -4.07
C3A HEM B . -4.78 0.02 -3.94
C4A HEM B . -4.46 0.06 -2.50
CMA HEM B . -4.24 0.91 -5.01
CAA HEM B . -6.30 -1.63 -5.32
CBA HEM B . -5.32 -2.75 -5.71
CGA HEM B . -5.64 -3.44 -7.04
O1A HEM B . -4.98 -4.47 -7.39
O2A HEM B . -6.49 -2.95 -7.78
C1B HEM B . -3.27 1.14 -0.56
C2B HEM B . -2.39 2.19 -0.07
C3B HEM B . -2.40 1.98 1.35
C4B HEM B . -3.32 0.84 1.54
CMB HEM B . -1.68 3.21 -0.90
CAB HEM B . -1.76 2.77 2.45
CBB HEM B . -1.32 4.01 2.25
C1C HEM B . -4.30 -0.90 3.09
C2C HEM B . -4.53 -1.36 4.46
C3C HEM B . -5.26 -2.59 4.27
C4C HEM B . -5.41 -2.78 2.79
CMC HEM B . -4.13 -0.66 5.73
CAC HEM B . -5.85 -3.50 5.26
CBC HEM B . -5.91 -3.23 6.55
C1D HEM B . -6.47 -3.92 0.81
C2D HEM B . -7.30 -5.04 0.35
C3D HEM B . -7.51 -4.70 -1.03
C4D HEM B . -6.82 -3.42 -1.21
CMD HEM B . -7.75 -6.23 1.16
CAD HEM B . -8.32 -5.41 -2.05
CBD HEM B . -9.66 -4.70 -1.95
CGD HEM B . -10.75 -5.34 -2.84
O1D HEM B . -11.94 -5.49 -2.39
O2D HEM B . -10.43 -5.67 -4.00
NA HEM B . -5.06 -1.00 -1.78
NB HEM B . -3.78 0.30 0.37
NC HEM B . -4.73 -1.78 2.04
ND HEM B . -6.17 -2.99 -0.12
FE HEM B . -5.08 -1.27 0.16
C5 A1BZE C . 1.01 -5.84 -2.46
C6 A1BZE C . 0.15 -5.15 -1.60
C7 A1BZE C . -0.96 -4.49 -2.11
C8 A1BZE C . -1.83 -3.71 -1.21
C13 A1BZE C . -1.12 -4.49 -3.51
C15 A1BZE C . -1.75 -4.13 -5.53
C17 A1BZE C . 0.03 -5.55 -6.74
C20 A1BZE C . -0.98 -3.89 -8.40
C21 A1BZE C . 0.14 -3.11 -9.19
C22 A1BZE C . 1.08 -4.22 -9.79
C24 A1BZE C . -0.64 -6.09 -10.09
C26 A1BZE C . -2.13 -4.25 -9.34
C28 A1BZE C . 0.81 -5.87 -3.80
F1 A1BZE C . 2.79 -5.87 -0.91
C2 A1BZE C . 2.16 -6.61 -1.86
F3 A1BZE C . 3.12 -6.96 -2.74
F4 A1BZE C . 1.72 -7.75 -1.27
C9 A1BZE C . -3.01 -3.05 -1.43
N10 A1BZE C . -3.40 -2.47 -0.24
C11 A1BZE C . -2.48 -2.75 0.68
O12 A1BZE C . -1.52 -3.53 0.11
N14 A1BZE C . -2.08 -3.92 -4.25
C16 A1BZE C . -0.66 -5.00 -5.61
O18 A1BZE C . 0.88 -6.44 -6.61
N19 A1BZE C . -0.22 -5.12 -7.99
C23 A1BZE C . 0.50 -5.53 -9.23
O25 A1BZE C . -1.59 -5.04 -10.39
N27 A1BZE C . -0.28 -5.22 -4.30
#